data_9LDA
#
_entry.id   9LDA
#
_cell.length_a   85.057
_cell.length_b   85.057
_cell.length_c   67.178
_cell.angle_alpha   90.00
_cell.angle_beta   90.00
_cell.angle_gamma   90.00
#
_symmetry.space_group_name_H-M   'P 41 21 2'
#
loop_
_entity.id
_entity.type
_entity.pdbx_description
1 polymer "Probable RNA 2'-phosphotransferase"
2 polymer "DNA (5'-D(P*AP*AP*AP*AP*AP*AP*AP*AP*AP*A)-3')"
3 non-polymer IMIDAZOLE
4 non-polymer GLYCEROL
5 non-polymer '[[(2~{R},3~{S},4~{R},5~{S})-5-(4-azanyl-5~{H}-pyrrolo[3,2-d]pyrimidin-7-yl)-3,4-bis(oxidanyl)oxolan-2-yl]methoxy-oxidanyl-phosphoryl] [(2~{R},3~{S},4~{R},5~{S})-3,4,5-tris(oxidanyl)oxolan-2-yl]methyl hydrogen phosphate'
6 water water
#
loop_
_entity_poly.entity_id
_entity_poly.type
_entity_poly.pdbx_seq_one_letter_code
_entity_poly.pdbx_strand_id
1 'polypeptide(L)'
;MKPERKRVSKLMAYILRHSPEEFGLRPDVEGFVSLNELVNALKTVYPEVTEEFVREIVENDPAGRYEIRGDRIRARYGHS
FPVSLDHEEDTESRFLYHGTPRRNLPSILKEGLKPMKRQYVHVSTDKIEALETGRRHGREVVLLVIDAECLRKRGFKIYK
AGKNVRIVERVPPDCITLAV
;
A
2 'polydeoxyribonucleotide' (DA)(DA)(DA)(DA)(DA)(DA)(DA)(DA)(DA)(DA) B
#
loop_
_chem_comp.id
_chem_comp.type
_chem_comp.name
_chem_comp.formula
A1EJJ non-polymer '[[(2~{R},3~{S},4~{R},5~{S})-5-(4-azanyl-5~{H}-pyrrolo[3,2-d]pyrimidin-7-yl)-3,4-bis(oxidanyl)oxolan-2-yl]methoxy-oxidanyl-phosphoryl] [(2~{R},3~{S},4~{R},5~{S})-3,4,5-tris(oxidanyl)oxolan-2-yl]methyl hydrogen phosphate' 'C16 H24 N4 O14 P2'
DA DNA linking 2'-DEOXYADENOSINE-5'-MONOPHOSPHATE 'C10 H14 N5 O6 P'
GOL non-polymer GLYCEROL 'C3 H8 O3'
IMD non-polymer IMIDAZOLE 'C3 H5 N2 1'
#
# COMPACT_ATOMS: atom_id res chain seq x y z
N PRO A 3 -2.21 16.72 13.39
CA PRO A 3 -3.64 17.00 13.18
C PRO A 3 -3.99 17.28 11.72
N GLU A 4 -3.64 18.48 11.25
CA GLU A 4 -3.94 18.83 9.86
C GLU A 4 -3.11 18.02 8.88
N ARG A 5 -1.90 17.63 9.26
CA ARG A 5 -1.04 16.86 8.36
C ARG A 5 -1.63 15.47 8.11
N LYS A 6 -2.23 14.86 9.12
CA LYS A 6 -2.83 13.55 8.95
C LYS A 6 -4.10 13.62 8.09
N ARG A 7 -4.86 14.70 8.22
CA ARG A 7 -6.08 14.86 7.43
C ARG A 7 -5.77 14.98 5.95
N VAL A 8 -4.77 15.80 5.60
CA VAL A 8 -4.42 15.98 4.20
C VAL A 8 -3.82 14.71 3.62
N SER A 9 -3.07 13.97 4.43
CA SER A 9 -2.47 12.74 3.95
C SER A 9 -3.52 11.68 3.68
N LYS A 10 -4.54 11.58 4.54
CA LYS A 10 -5.62 10.63 4.31
C LYS A 10 -6.39 10.95 3.04
N LEU A 11 -6.61 12.25 2.78
CA LEU A 11 -7.29 12.63 1.55
C LEU A 11 -6.43 12.39 0.32
N MET A 12 -5.11 12.63 0.43
CA MET A 12 -4.20 12.30 -0.66
C MET A 12 -4.29 10.82 -1.01
N ALA A 13 -4.31 9.95 0.01
CA ALA A 13 -4.36 8.51 -0.27
C ALA A 13 -5.67 8.12 -0.93
N TYR A 14 -6.77 8.79 -0.57
CA TYR A 14 -8.06 8.48 -1.20
C TYR A 14 -8.06 8.86 -2.66
N ILE A 15 -7.49 10.02 -2.99
CA ILE A 15 -7.43 10.48 -4.37
C ILE A 15 -6.46 9.64 -5.19
N LEU A 16 -5.28 9.37 -4.65
CA LEU A 16 -4.23 8.73 -5.44
C LEU A 16 -4.36 7.22 -5.51
N ARG A 17 -5.15 6.60 -4.63
CA ARG A 17 -5.30 5.15 -4.65
C ARG A 17 -6.66 4.67 -5.15
N HIS A 18 -7.73 5.45 -4.96
CA HIS A 18 -9.07 4.91 -5.15
C HIS A 18 -9.96 5.69 -6.11
N SER A 19 -10.21 6.99 -5.84
CA SER A 19 -11.22 7.75 -6.58
C SER A 19 -10.66 9.07 -7.09
N PRO A 20 -9.70 9.02 -8.03
CA PRO A 20 -9.22 10.27 -8.63
C PRO A 20 -10.25 10.93 -9.53
N GLU A 21 -11.09 10.13 -10.20
CA GLU A 21 -12.06 10.68 -11.14
C GLU A 21 -13.15 11.48 -10.43
N GLU A 22 -13.36 11.22 -9.14
CA GLU A 22 -14.30 12.02 -8.35
C GLU A 22 -13.88 13.49 -8.33
N PHE A 23 -12.59 13.76 -8.49
CA PHE A 23 -12.05 15.12 -8.46
C PHE A 23 -11.61 15.60 -9.84
N GLY A 24 -11.97 14.89 -10.90
CA GLY A 24 -11.61 15.30 -12.24
C GLY A 24 -10.18 14.99 -12.63
N LEU A 25 -9.52 14.06 -11.96
CA LEU A 25 -8.14 13.70 -12.27
C LEU A 25 -8.10 12.43 -13.10
N ARG A 26 -7.10 12.37 -13.99
CA ARG A 26 -6.89 11.20 -14.85
C ARG A 26 -5.44 10.74 -14.69
N PRO A 27 -5.17 9.77 -13.82
CA PRO A 27 -3.81 9.28 -13.68
C PRO A 27 -3.33 8.53 -14.91
N ASP A 28 -2.03 8.63 -15.19
CA ASP A 28 -1.48 7.91 -16.32
C ASP A 28 -1.36 6.42 -16.00
N VAL A 29 -0.79 5.66 -16.94
CA VAL A 29 -0.73 4.20 -16.79
C VAL A 29 0.10 3.82 -15.59
N GLU A 30 1.09 4.64 -15.23
CA GLU A 30 1.95 4.37 -14.08
C GLU A 30 1.40 4.95 -12.78
N GLY A 31 0.19 5.51 -12.80
CA GLY A 31 -0.46 6.01 -11.61
C GLY A 31 -0.13 7.44 -11.24
N PHE A 32 0.63 8.16 -12.06
CA PHE A 32 1.01 9.53 -11.73
C PHE A 32 -0.09 10.51 -12.12
N VAL A 33 -0.26 11.56 -11.31
CA VAL A 33 -1.06 12.71 -11.68
C VAL A 33 -0.19 13.94 -11.56
N SER A 34 -0.64 15.01 -12.22
CA SER A 34 0.04 16.30 -12.10
C SER A 34 0.01 16.76 -10.65
N LEU A 35 1.16 17.22 -10.14
CA LEU A 35 1.17 17.76 -8.79
C LEU A 35 0.23 18.95 -8.67
N ASN A 36 0.27 19.86 -9.65
CA ASN A 36 -0.61 21.02 -9.61
C ASN A 36 -2.07 20.62 -9.56
N GLU A 37 -2.44 19.55 -10.28
CA GLU A 37 -3.82 19.08 -10.25
C GLU A 37 -4.21 18.57 -8.88
N LEU A 38 -3.27 17.92 -8.18
CA LEU A 38 -3.57 17.40 -6.85
C LEU A 38 -3.79 18.52 -5.83
N VAL A 39 -2.99 19.59 -5.90
CA VAL A 39 -3.17 20.69 -4.96
C VAL A 39 -4.54 21.33 -5.14
N ASN A 40 -4.94 21.58 -6.39
CA ASN A 40 -6.25 22.17 -6.66
C ASN A 40 -7.38 21.23 -6.25
N ALA A 41 -7.17 19.92 -6.37
CA ALA A 41 -8.18 18.98 -5.91
C ALA A 41 -8.29 19.01 -4.39
N LEU A 42 -7.15 19.04 -3.68
CA LEU A 42 -7.19 19.07 -2.22
C LEU A 42 -7.80 20.38 -1.71
N LYS A 43 -7.67 21.47 -2.46
CA LYS A 43 -8.17 22.75 -1.97
C LYS A 43 -9.69 22.82 -1.90
N THR A 44 -10.40 21.95 -2.65
CA THR A 44 -11.86 21.97 -2.57
C THR A 44 -12.37 21.47 -1.23
N VAL A 45 -11.54 20.80 -0.44
CA VAL A 45 -11.90 20.36 0.91
C VAL A 45 -11.16 21.17 1.97
N TYR A 46 -9.83 21.28 1.84
CA TYR A 46 -9.01 22.10 2.74
C TYR A 46 -8.38 23.21 1.92
N PRO A 47 -8.92 24.43 1.98
CA PRO A 47 -8.46 25.47 1.04
C PRO A 47 -7.13 26.11 1.40
N GLU A 48 -6.65 25.95 2.64
CA GLU A 48 -5.39 26.53 3.06
C GLU A 48 -4.21 25.60 2.83
N VAL A 49 -4.26 24.75 1.81
CA VAL A 49 -3.20 23.81 1.49
C VAL A 49 -2.42 24.34 0.31
N THR A 50 -1.11 24.15 0.33
CA THR A 50 -0.20 24.64 -0.70
C THR A 50 0.60 23.48 -1.29
N GLU A 51 1.35 23.78 -2.35
CA GLU A 51 2.26 22.78 -2.89
C GLU A 51 3.39 22.49 -1.92
N GLU A 52 3.81 23.48 -1.13
CA GLU A 52 4.88 23.25 -0.16
C GLU A 52 4.41 22.36 0.98
N PHE A 53 3.16 22.53 1.42
CA PHE A 53 2.60 21.67 2.46
C PHE A 53 2.54 20.22 1.98
N VAL A 54 2.21 20.01 0.71
CA VAL A 54 2.16 18.64 0.19
C VAL A 54 3.55 18.07 0.04
N ARG A 55 4.51 18.89 -0.42
CA ARG A 55 5.89 18.41 -0.56
C ARG A 55 6.49 18.05 0.78
N GLU A 56 6.05 18.70 1.86
CA GLU A 56 6.52 18.32 3.20
C GLU A 56 5.96 16.98 3.61
N ILE A 57 4.71 16.69 3.25
CA ILE A 57 4.11 15.40 3.59
C ILE A 57 4.85 14.27 2.90
N VAL A 58 5.14 14.44 1.61
CA VAL A 58 5.83 13.39 0.87
C VAL A 58 7.23 13.17 1.42
N GLU A 59 7.94 14.25 1.74
CA GLU A 59 9.32 14.12 2.21
C GLU A 59 9.37 13.47 3.59
N ASN A 60 8.38 13.76 4.44
CA ASN A 60 8.36 13.32 5.84
C ASN A 60 7.40 12.16 6.06
N ASP A 61 7.15 11.35 5.05
CA ASP A 61 6.23 10.23 5.20
C ASP A 61 6.96 9.03 5.78
N PRO A 62 6.55 8.51 6.94
CA PRO A 62 7.34 7.44 7.58
C PRO A 62 7.30 6.12 6.84
N ALA A 63 6.22 5.83 6.11
CA ALA A 63 6.11 4.56 5.40
C ALA A 63 6.57 4.63 3.95
N GLY A 64 6.81 5.83 3.43
CA GLY A 64 7.15 5.97 2.02
C GLY A 64 5.97 5.81 1.09
N ARG A 65 4.82 6.42 1.43
CA ARG A 65 3.59 6.19 0.69
C ARG A 65 3.65 6.82 -0.70
N TYR A 66 4.27 7.99 -0.82
CA TYR A 66 4.19 8.79 -2.03
C TYR A 66 5.55 8.95 -2.68
N GLU A 67 5.52 9.23 -3.98
CA GLU A 67 6.72 9.45 -4.79
C GLU A 67 6.46 10.61 -5.73
N ILE A 68 7.41 11.54 -5.78
CA ILE A 68 7.35 12.71 -6.64
C ILE A 68 8.49 12.61 -7.65
N ARG A 69 8.15 12.50 -8.93
CA ARG A 69 9.10 12.58 -10.03
C ARG A 69 8.92 13.94 -10.69
N GLY A 70 9.62 14.94 -10.16
CA GLY A 70 9.60 16.29 -10.71
C GLY A 70 8.32 17.04 -10.43
N ASP A 71 7.42 17.07 -11.42
CA ASP A 71 6.15 17.76 -11.31
C ASP A 71 4.97 16.81 -11.21
N ARG A 72 5.21 15.52 -11.03
CA ARG A 72 4.17 14.52 -10.88
C ARG A 72 4.23 13.89 -9.49
N ILE A 73 3.16 13.19 -9.13
CA ILE A 73 3.05 12.56 -7.82
C ILE A 73 2.14 11.35 -7.94
N ARG A 74 2.45 10.32 -7.16
CA ARG A 74 1.62 9.12 -7.12
C ARG A 74 1.75 8.46 -5.75
N ALA A 75 0.81 7.58 -5.46
CA ALA A 75 0.95 6.63 -4.37
C ALA A 75 1.77 5.43 -4.86
N ARG A 76 2.63 4.91 -3.99
CA ARG A 76 3.48 3.80 -4.42
C ARG A 76 2.80 2.44 -4.30
N TYR A 77 1.69 2.36 -3.56
CA TYR A 77 0.98 1.10 -3.37
C TYR A 77 -0.40 1.40 -2.80
N GLY A 78 -1.20 0.36 -2.64
CA GLY A 78 -2.54 0.48 -2.09
C GLY A 78 -3.63 0.78 -3.08
N HIS A 79 -3.32 0.85 -4.37
CA HIS A 79 -4.31 1.25 -5.37
C HIS A 79 -5.43 0.24 -5.49
N SER A 80 -6.62 0.73 -5.83
CA SER A 80 -7.75 -0.12 -6.18
C SER A 80 -8.10 -0.06 -7.66
N PHE A 81 -7.32 0.65 -8.48
CA PHE A 81 -7.47 0.66 -9.93
C PHE A 81 -6.17 0.21 -10.57
N PRO A 82 -6.23 -0.35 -11.78
CA PRO A 82 -5.01 -0.88 -12.42
C PRO A 82 -3.93 0.18 -12.56
N VAL A 83 -2.69 -0.24 -12.37
CA VAL A 83 -1.55 0.67 -12.45
C VAL A 83 -0.31 -0.16 -12.79
N SER A 84 0.53 0.38 -13.67
CA SER A 84 1.77 -0.26 -14.07
C SER A 84 2.91 0.32 -13.23
N LEU A 85 3.34 -0.43 -12.22
CA LEU A 85 4.39 -0.01 -11.30
C LEU A 85 5.75 -0.55 -11.77
N ASP A 86 6.82 0.14 -11.35
CA ASP A 86 8.18 -0.18 -11.77
C ASP A 86 9.10 -0.41 -10.58
N HIS A 87 8.57 -0.95 -9.50
CA HIS A 87 9.38 -1.19 -8.31
C HIS A 87 10.36 -2.33 -8.56
N GLU A 88 11.41 -2.36 -7.74
CA GLU A 88 12.40 -3.43 -7.83
C GLU A 88 11.91 -4.67 -7.10
N GLU A 89 12.39 -5.83 -7.56
CA GLU A 89 12.03 -7.12 -6.97
C GLU A 89 12.79 -7.33 -5.66
N ASP A 90 12.10 -7.94 -4.69
CA ASP A 90 12.72 -8.36 -3.43
C ASP A 90 13.19 -9.79 -3.59
N THR A 91 14.50 -9.97 -3.79
CA THR A 91 15.08 -11.30 -3.88
C THR A 91 15.81 -11.73 -2.62
N GLU A 92 15.93 -10.84 -1.62
CA GLU A 92 16.68 -11.13 -0.41
C GLU A 92 15.82 -11.66 0.73
N SER A 93 14.62 -11.12 0.95
CA SER A 93 13.82 -11.51 2.10
C SER A 93 13.50 -13.00 2.04
N ARG A 94 13.68 -13.68 3.18
CA ARG A 94 13.27 -15.07 3.32
C ARG A 94 11.89 -15.22 3.93
N PHE A 95 11.58 -14.39 4.93
CA PHE A 95 10.28 -14.38 5.59
C PHE A 95 9.62 -13.02 5.43
N LEU A 96 8.31 -13.03 5.22
CA LEU A 96 7.49 -11.83 5.15
C LEU A 96 6.31 -11.98 6.11
N TYR A 97 5.70 -10.84 6.47
CA TYR A 97 4.72 -10.82 7.54
C TYR A 97 3.47 -10.07 7.11
N HIS A 98 2.33 -10.51 7.63
CA HIS A 98 1.03 -9.93 7.31
C HIS A 98 0.15 -10.00 8.55
N GLY A 99 -0.31 -8.84 9.02
CA GLY A 99 -1.21 -8.78 10.16
C GLY A 99 -2.65 -8.68 9.69
N THR A 100 -3.54 -9.41 10.36
CA THR A 100 -4.94 -9.43 9.99
C THR A 100 -5.75 -9.81 11.22
N PRO A 101 -6.99 -9.30 11.33
CA PRO A 101 -7.85 -9.72 12.44
C PRO A 101 -8.01 -11.23 12.47
N ARG A 102 -8.06 -11.78 13.68
CA ARG A 102 -8.17 -13.22 13.88
C ARG A 102 -9.42 -13.79 13.24
N ARG A 103 -10.47 -12.99 13.09
CA ARG A 103 -11.72 -13.47 12.49
C ARG A 103 -11.55 -13.87 11.02
N ASN A 104 -10.51 -13.38 10.36
CA ASN A 104 -10.30 -13.70 8.95
C ASN A 104 -9.52 -14.98 8.73
N LEU A 105 -8.98 -15.58 9.79
CA LEU A 105 -8.08 -16.71 9.63
C LEU A 105 -8.73 -17.94 8.97
N PRO A 106 -9.97 -18.35 9.31
CA PRO A 106 -10.52 -19.53 8.63
C PRO A 106 -10.63 -19.38 7.12
N SER A 107 -11.03 -18.21 6.64
CA SER A 107 -11.11 -18.00 5.20
C SER A 107 -9.72 -17.95 4.57
N ILE A 108 -8.73 -17.40 5.28
CA ILE A 108 -7.37 -17.30 4.72
C ILE A 108 -6.72 -18.67 4.65
N LEU A 109 -6.98 -19.53 5.64
CA LEU A 109 -6.37 -20.86 5.65
C LEU A 109 -6.90 -21.76 4.55
N LYS A 110 -8.01 -21.41 3.92
CA LYS A 110 -8.52 -22.17 2.79
C LYS A 110 -8.30 -21.50 1.45
N GLU A 111 -8.27 -20.16 1.40
CA GLU A 111 -8.10 -19.42 0.16
C GLU A 111 -6.75 -18.74 0.02
N GLY A 112 -5.98 -18.62 1.10
CA GLY A 112 -4.78 -17.80 1.07
C GLY A 112 -5.12 -16.32 1.16
N LEU A 113 -4.08 -15.50 1.09
CA LEU A 113 -4.25 -14.05 1.05
C LEU A 113 -4.64 -13.63 -0.36
N LYS A 114 -5.76 -12.90 -0.49
CA LYS A 114 -6.23 -12.35 -1.74
C LYS A 114 -6.14 -10.82 -1.73
N PRO A 115 -6.06 -10.18 -2.90
CA PRO A 115 -5.98 -8.71 -2.91
C PRO A 115 -7.24 -8.03 -2.41
N MET A 116 -8.40 -8.67 -2.51
CA MET A 116 -9.69 -8.15 -2.03
C MET A 116 -10.05 -6.94 -2.90
N LYS A 117 -10.29 -5.76 -2.33
CA LYS A 117 -10.66 -4.61 -3.14
C LYS A 117 -9.49 -3.94 -3.83
N ARG A 118 -8.26 -4.31 -3.50
CA ARG A 118 -7.10 -3.67 -4.07
C ARG A 118 -6.52 -4.54 -5.19
N GLN A 119 -5.49 -4.02 -5.85
CA GLN A 119 -4.89 -4.72 -6.97
C GLN A 119 -3.91 -5.81 -6.51
N TYR A 120 -3.16 -5.55 -5.43
CA TYR A 120 -2.15 -6.49 -4.97
C TYR A 120 -2.34 -6.80 -3.48
N VAL A 121 -1.87 -7.99 -3.08
CA VAL A 121 -1.70 -8.31 -1.68
C VAL A 121 -0.51 -7.54 -1.13
N HIS A 122 -0.68 -6.93 0.04
CA HIS A 122 0.38 -6.18 0.73
C HIS A 122 0.87 -6.97 1.93
N VAL A 123 2.20 -7.08 2.07
CA VAL A 123 2.85 -7.67 3.22
C VAL A 123 3.97 -6.72 3.69
N SER A 124 4.72 -7.14 4.70
CA SER A 124 5.80 -6.32 5.25
C SER A 124 7.02 -7.17 5.56
N THR A 125 8.20 -6.52 5.55
CA THR A 125 9.40 -7.15 6.09
C THR A 125 9.50 -6.97 7.59
N ASP A 126 8.65 -6.16 8.19
CA ASP A 126 8.75 -5.76 9.59
C ASP A 126 7.55 -6.28 10.38
N LYS A 127 7.82 -6.99 11.48
CA LYS A 127 6.75 -7.60 12.26
C LYS A 127 5.84 -6.55 12.90
N ILE A 128 6.43 -5.46 13.41
CA ILE A 128 5.63 -4.42 14.05
C ILE A 128 4.71 -3.75 13.04
N GLU A 129 5.22 -3.45 11.84
CA GLU A 129 4.41 -2.79 10.82
C GLU A 129 3.23 -3.66 10.41
N ALA A 130 3.46 -4.96 10.24
CA ALA A 130 2.38 -5.87 9.89
C ALA A 130 1.32 -5.90 10.96
N LEU A 131 1.72 -5.97 12.24
CA LEU A 131 0.76 -5.99 13.32
C LEU A 131 -0.02 -4.69 13.42
N GLU A 132 0.67 -3.54 13.29
CA GLU A 132 -0.04 -2.26 13.28
C GLU A 132 -1.01 -2.18 12.11
N THR A 133 -0.62 -2.73 10.96
CA THR A 133 -1.51 -2.70 9.80
C THR A 133 -2.77 -3.51 10.06
N GLY A 134 -2.62 -4.70 10.65
CA GLY A 134 -3.80 -5.49 11.00
C GLY A 134 -4.69 -4.81 12.02
N ARG A 135 -4.11 -4.05 12.95
CA ARG A 135 -4.88 -3.43 14.01
C ARG A 135 -5.85 -2.38 13.47
N ARG A 136 -5.63 -1.89 12.24
CA ARG A 136 -6.57 -0.97 11.61
C ARG A 136 -7.97 -1.56 11.53
N HIS A 137 -8.07 -2.87 11.29
CA HIS A 137 -9.36 -3.49 11.03
C HIS A 137 -10.04 -4.02 12.28
N GLY A 138 -9.33 -4.11 13.40
CA GLY A 138 -9.92 -4.69 14.60
C GLY A 138 -8.87 -4.90 15.66
N ARG A 139 -9.35 -5.25 16.86
CA ARG A 139 -8.46 -5.38 18.00
C ARG A 139 -7.69 -6.70 17.97
N GLU A 140 -8.39 -7.83 17.99
CA GLU A 140 -7.74 -9.14 18.02
C GLU A 140 -7.06 -9.39 16.68
N VAL A 141 -5.73 -9.42 16.68
CA VAL A 141 -4.93 -9.50 15.45
C VAL A 141 -3.97 -10.68 15.55
N VAL A 142 -3.82 -11.39 14.44
CA VAL A 142 -2.83 -12.46 14.31
C VAL A 142 -1.73 -12.03 13.36
N LEU A 143 -0.54 -12.55 13.59
CA LEU A 143 0.63 -12.30 12.76
C LEU A 143 0.88 -13.54 11.89
N LEU A 144 0.82 -13.35 10.58
CA LEU A 144 1.09 -14.43 9.62
C LEU A 144 2.54 -14.37 9.18
N VAL A 145 3.21 -15.53 9.20
CA VAL A 145 4.57 -15.64 8.68
C VAL A 145 4.50 -16.32 7.32
N ILE A 146 5.14 -15.71 6.32
CA ILE A 146 5.07 -16.15 4.94
C ILE A 146 6.46 -16.51 4.45
N ASP A 147 6.59 -17.70 3.86
CA ASP A 147 7.86 -18.13 3.27
C ASP A 147 7.98 -17.47 1.89
N ALA A 148 8.96 -16.57 1.75
CA ALA A 148 9.09 -15.83 0.50
C ALA A 148 9.53 -16.74 -0.64
N GLU A 149 10.42 -17.69 -0.38
CA GLU A 149 10.87 -18.62 -1.43
C GLU A 149 9.73 -19.50 -1.93
N CYS A 150 8.80 -19.87 -1.05
CA CYS A 150 7.60 -20.58 -1.50
C CYS A 150 6.86 -19.78 -2.57
N LEU A 151 6.76 -18.46 -2.40
CA LEU A 151 6.07 -17.62 -3.37
C LEU A 151 6.85 -17.53 -4.68
N ARG A 152 8.17 -17.34 -4.60
CA ARG A 152 8.97 -17.21 -5.81
C ARG A 152 8.97 -18.50 -6.62
N LYS A 153 9.04 -19.65 -5.95
CA LYS A 153 9.06 -20.92 -6.67
C LYS A 153 7.75 -21.19 -7.39
N ARG A 154 6.67 -20.51 -7.02
CA ARG A 154 5.37 -20.66 -7.66
C ARG A 154 5.08 -19.53 -8.64
N GLY A 155 6.06 -18.70 -8.97
CA GLY A 155 5.92 -17.67 -9.98
C GLY A 155 5.48 -16.31 -9.48
N PHE A 156 5.23 -16.16 -8.17
CA PHE A 156 4.73 -14.91 -7.61
C PHE A 156 5.93 -14.08 -7.12
N LYS A 157 6.34 -13.11 -7.92
CA LYS A 157 7.43 -12.23 -7.55
C LYS A 157 6.97 -11.22 -6.51
N ILE A 158 7.90 -10.81 -5.64
CA ILE A 158 7.65 -9.85 -4.57
C ILE A 158 8.41 -8.57 -4.90
N TYR A 159 7.74 -7.44 -4.75
CA TYR A 159 8.29 -6.15 -5.17
C TYR A 159 8.37 -5.18 -4.00
N LYS A 160 9.43 -4.36 -4.01
CA LYS A 160 9.70 -3.38 -2.95
C LYS A 160 8.92 -2.10 -3.24
N ALA A 161 7.69 -2.02 -2.73
CA ALA A 161 6.83 -0.86 -2.95
C ALA A 161 7.11 0.27 -1.96
N GLY A 162 7.39 -0.05 -0.70
CA GLY A 162 7.78 0.96 0.26
C GLY A 162 9.04 0.58 1.01
N LYS A 163 9.33 1.28 2.11
CA LYS A 163 10.50 0.96 2.91
C LYS A 163 10.44 -0.47 3.42
N ASN A 164 9.36 -0.82 4.11
CA ASN A 164 9.15 -2.20 4.53
C ASN A 164 7.97 -2.85 3.81
N VAL A 165 7.15 -2.08 3.12
CA VAL A 165 5.98 -2.60 2.43
C VAL A 165 6.41 -3.37 1.19
N ARG A 166 5.81 -4.54 0.99
CA ARG A 166 6.03 -5.36 -0.19
C ARG A 166 4.69 -5.73 -0.80
N ILE A 167 4.66 -5.88 -2.12
CA ILE A 167 3.44 -6.25 -2.82
C ILE A 167 3.67 -7.54 -3.59
N VAL A 168 2.60 -8.30 -3.76
CA VAL A 168 2.64 -9.58 -4.48
C VAL A 168 1.23 -9.88 -4.96
N GLU A 169 1.13 -10.71 -6.01
CA GLU A 169 -0.18 -10.98 -6.61
C GLU A 169 -1.11 -11.65 -5.62
N ARG A 170 -0.65 -12.71 -4.97
CA ARG A 170 -1.43 -13.40 -3.95
C ARG A 170 -0.48 -14.29 -3.16
N VAL A 171 -0.98 -14.83 -2.06
CA VAL A 171 -0.22 -15.69 -1.18
C VAL A 171 -1.02 -16.97 -0.95
N PRO A 172 -0.68 -18.07 -1.63
CA PRO A 172 -1.38 -19.34 -1.41
C PRO A 172 -1.25 -19.80 0.02
N PRO A 173 -2.20 -20.60 0.51
CA PRO A 173 -2.15 -21.03 1.92
C PRO A 173 -0.90 -21.84 2.26
N ASP A 174 -0.36 -22.58 1.30
CA ASP A 174 0.80 -23.43 1.54
C ASP A 174 2.05 -22.62 1.87
N CYS A 175 2.08 -21.34 1.49
CA CYS A 175 3.23 -20.49 1.78
C CYS A 175 3.11 -19.78 3.11
N ILE A 176 1.98 -19.89 3.79
CA ILE A 176 1.82 -19.32 5.13
C ILE A 176 2.28 -20.39 6.12
N THR A 177 3.45 -20.15 6.74
CA THR A 177 4.05 -21.15 7.59
C THR A 177 3.54 -21.10 9.02
N LEU A 178 3.13 -19.93 9.50
CA LEU A 178 2.78 -19.77 10.90
C LEU A 178 1.69 -18.72 11.05
N ALA A 179 0.91 -18.86 12.12
CA ALA A 179 -0.06 -17.84 12.51
C ALA A 179 0.01 -17.69 14.03
N VAL A 180 0.49 -16.54 14.51
CA VAL A 180 0.58 -16.29 15.95
C VAL A 180 -0.18 -15.05 16.40
N1 IMD C . -1.03 -5.94 5.48
C2 IMD C . -0.99 -6.59 6.63
N3 IMD C . 0.25 -6.48 7.11
C4 IMD C . 1.01 -5.76 6.23
C5 IMD C . 0.20 -5.41 5.20
C1 GOL D . -1.49 -7.20 19.08
O1 GOL D . -0.51 -6.45 19.75
C2 GOL D . -2.19 -8.12 20.06
O2 GOL D . -1.23 -8.97 20.64
C3 GOL D . -3.27 -8.93 19.34
O3 GOL D . -4.32 -8.08 18.94
N1 A1EJJ E . -8.94 -14.91 1.61
N3 A1EJJ E . -10.43 -14.04 3.15
C4 A1EJJ E . -10.74 -13.06 4.01
C6 A1EJJ E . -8.87 -11.84 3.64
C7 A1EJJ E . -7.88 -10.84 3.70
C8 A1EJJ E . -7.92 -9.61 4.54
C10 A1EJJ E . -8.21 -7.30 4.35
C21 A1EJJ E . -3.28 -2.70 2.53
C22 A1EJJ E . -2.23 -1.62 2.51
C24 A1EJJ E . -2.24 0.27 3.93
C26 A1EJJ E . -1.55 -0.87 4.67
C28 A1EJJ E . -1.10 -1.78 3.53
C11 A1EJJ E . -8.05 -6.34 3.20
C2 A1EJJ E . -9.26 -13.94 2.47
C30 A1EJJ E . -6.94 -7.55 5.18
C32 A1EJJ E . -6.55 -8.98 4.78
C34 A1EJJ E . -6.91 -11.22 2.83
C36 A1EJJ E . -8.45 -12.81 2.71
N35 A1EJJ E . -7.23 -12.39 2.23
N5 A1EJJ E . -10.04 -11.97 4.30
O12 A1EJJ E . -7.75 -5.05 3.78
O14 A1EJJ E . -6.88 -2.76 3.70
O15 A1EJJ E . -7.17 -4.09 1.53
O16 A1EJJ E . -5.36 -4.69 3.16
O18 A1EJJ E . -4.79 -4.49 5.58
O19 A1EJJ E . -3.10 -5.45 3.93
O20 A1EJJ E . -3.68 -3.02 3.88
O23 A1EJJ E . -2.84 -0.33 2.78
O25 A1EJJ E . -1.30 1.24 3.58
O27 A1EJJ E . -0.46 -0.41 5.46
O29 A1EJJ E . 0.17 -1.39 2.99
O31 A1EJJ E . -7.21 -7.48 6.57
O33 A1EJJ E . -5.87 -9.64 5.83
O9 A1EJJ E . -8.64 -8.59 3.85
P13 A1EJJ E . -6.81 -4.04 2.97
P17 A1EJJ E . -4.19 -4.49 4.23
#